data_8ZHV
#
_entry.id   8ZHV
#
_cell.length_a   48.221
_cell.length_b   76.582
_cell.length_c   146.758
_cell.angle_alpha   90.000
_cell.angle_beta   90.000
_cell.angle_gamma   90.000
#
_symmetry.space_group_name_H-M   'P 21 21 21'
#
loop_
_entity.id
_entity.type
_entity.pdbx_description
1 polymer 'Isonocardicin synthase'
2 non-polymer S-ADENOSYL-L-HOMOCYSTEINE
3 non-polymer 'Nocardicin G'
4 non-polymer "5'-thioadenosine"
5 water water
#
_entity_poly.entity_id   1
_entity_poly.type   'polypeptide(L)'
_entity_poly.pdbx_seq_one_letter_code
;MKHHHHHHHSDYDIPTTENLYFQGSMTALSRVSGQAPDRVVETYAEGKPYDLFFLDVAGVRLVGRKTEAAYPGPDRDGLP
AERLKCALVEARMLLGVVERDQVAEDHVAVFHRPLGEAEKAELFAAAVADPTTDLYYPYAQLGDRVRETEEGGWEVTDES
ARELDHAEEVLRDHVPDRLAELGFRGGVAYDAACSTGAFLQAVGRRFPGTRTIGQDLSPAMVARARTRLDEAHCGDGIRP
AIPEASADLVVCRHLNAFVVGTGQAHDLLAAAASRCREGGLVVLLGHTPVLVSSQWCEMSGLTPLQRSGATPSGHALFQC
YVLRKG
;
_entity_poly.pdbx_strand_id   A,B
#
# COMPACT_ATOMS: atom_id res chain seq x y z
N ALA A 36 2.76 20.32 -5.44
CA ALA A 36 1.41 19.78 -5.57
C ALA A 36 1.39 18.28 -5.87
N PRO A 37 0.75 17.48 -5.01
CA PRO A 37 0.61 16.05 -5.29
C PRO A 37 -0.63 15.78 -6.14
N ASP A 38 -0.69 14.56 -6.66
CA ASP A 38 -1.82 14.08 -7.42
C ASP A 38 -2.21 12.69 -6.91
N ARG A 39 -3.28 12.17 -7.48
CA ARG A 39 -3.90 10.92 -7.06
C ARG A 39 -4.25 10.10 -8.29
N VAL A 40 -3.95 8.81 -8.25
CA VAL A 40 -4.50 7.84 -9.21
C VAL A 40 -5.33 6.84 -8.41
N VAL A 41 -6.45 6.42 -8.99
CA VAL A 41 -7.44 5.61 -8.29
C VAL A 41 -7.83 4.43 -9.17
N GLU A 42 -8.04 3.28 -8.52
CA GLU A 42 -8.72 2.15 -9.15
C GLU A 42 -9.81 1.67 -8.20
N THR A 43 -11.03 1.51 -8.72
CA THR A 43 -12.13 1.05 -7.90
C THR A 43 -12.20 -0.48 -7.91
N TYR A 44 -12.89 -1.03 -6.91
CA TYR A 44 -12.93 -2.48 -6.76
C TYR A 44 -13.95 -3.11 -7.69
N ALA A 45 -15.08 -2.44 -7.93
CA ALA A 45 -16.16 -3.05 -8.71
C ALA A 45 -15.83 -3.08 -10.19
N GLU A 46 -15.63 -1.90 -10.79
CA GLU A 46 -15.35 -1.77 -12.21
C GLU A 46 -13.87 -1.56 -12.54
N GLY A 47 -13.05 -1.12 -11.59
CA GLY A 47 -11.65 -0.81 -11.87
C GLY A 47 -10.78 -2.05 -11.89
N LYS A 48 -9.47 -1.81 -12.04
CA LYS A 48 -8.46 -2.87 -12.11
C LYS A 48 -7.27 -2.51 -11.23
N PRO A 49 -7.36 -2.77 -9.92
CA PRO A 49 -6.24 -2.44 -9.03
C PRO A 49 -4.94 -3.09 -9.44
N TYR A 50 -5.03 -4.24 -10.12
CA TYR A 50 -3.87 -4.99 -10.56
C TYR A 50 -3.15 -4.30 -11.71
N ASP A 51 -3.70 -3.24 -12.27
CA ASP A 51 -3.01 -2.51 -13.33
C ASP A 51 -2.14 -1.37 -12.82
N LEU A 52 -2.16 -1.07 -11.52
CA LEU A 52 -1.25 -0.08 -10.97
C LEU A 52 0.07 -0.77 -10.65
N PHE A 53 1.16 -0.30 -11.26
CA PHE A 53 2.45 -0.92 -11.06
C PHE A 53 3.44 0.05 -10.42
N PHE A 54 4.34 -0.50 -9.61
CA PHE A 54 5.40 0.24 -8.96
C PHE A 54 6.76 -0.16 -9.54
N LEU A 55 7.61 0.83 -9.79
CA LEU A 55 8.97 0.63 -10.27
C LEU A 55 9.94 1.13 -9.19
N ASP A 56 10.82 0.24 -8.74
CA ASP A 56 11.76 0.54 -7.65
C ASP A 56 13.08 1.04 -8.26
N VAL A 57 13.20 2.37 -8.40
CA VAL A 57 14.29 3.01 -9.14
C VAL A 57 14.78 4.24 -8.35
N ALA A 58 16.10 4.42 -8.30
CA ALA A 58 16.73 5.55 -7.61
C ALA A 58 16.27 5.65 -6.15
N GLY A 59 16.10 4.49 -5.51
CA GLY A 59 15.64 4.46 -4.13
C GLY A 59 14.31 5.13 -3.88
N VAL A 60 13.47 5.30 -4.91
CA VAL A 60 12.07 5.72 -4.75
C VAL A 60 11.21 4.72 -5.52
N ARG A 61 9.90 4.84 -5.33
CA ARG A 61 8.92 4.06 -6.08
C ARG A 61 8.21 4.97 -7.08
N LEU A 62 8.20 4.56 -8.34
CA LEU A 62 7.40 5.22 -9.36
C LEU A 62 6.14 4.39 -9.59
N VAL A 63 4.97 5.06 -9.57
CA VAL A 63 3.69 4.43 -9.88
C VAL A 63 3.27 4.78 -11.29
N GLY A 64 2.67 3.82 -11.99
CA GLY A 64 2.04 4.04 -13.27
C GLY A 64 0.80 3.17 -13.38
N ARG A 65 0.10 3.31 -14.50
CA ARG A 65 -1.05 2.46 -14.80
C ARG A 65 -0.79 1.75 -16.12
N LYS A 66 -0.68 0.42 -16.06
CA LYS A 66 -0.53 -0.37 -17.28
C LYS A 66 -1.72 -0.14 -18.22
N THR A 67 -1.42 0.16 -19.49
CA THR A 67 -2.39 0.03 -20.58
C THR A 67 -1.84 -0.98 -21.59
N GLU A 68 -2.58 -1.21 -22.67
CA GLU A 68 -2.11 -2.10 -23.72
C GLU A 68 -0.79 -1.60 -24.31
N ALA A 69 0.17 -2.49 -24.44
CA ALA A 69 1.50 -2.08 -24.88
C ALA A 69 1.69 -2.37 -26.36
N ALA A 70 2.66 -1.68 -26.95
CA ALA A 70 3.12 -2.03 -28.28
C ALA A 70 3.84 -3.37 -28.17
N TYR A 71 3.35 -4.36 -28.92
CA TYR A 71 3.76 -5.74 -28.74
C TYR A 71 4.04 -6.40 -30.09
N PRO A 72 5.13 -7.17 -30.20
CA PRO A 72 6.12 -7.42 -29.14
C PRO A 72 7.17 -6.31 -29.01
N GLY A 73 7.25 -5.46 -30.02
CA GLY A 73 8.22 -4.40 -30.05
C GLY A 73 7.56 -3.07 -30.31
N PRO A 74 8.36 -2.01 -30.39
CA PRO A 74 7.79 -0.67 -30.58
C PRO A 74 7.22 -0.53 -31.98
N ASP A 75 6.49 0.56 -32.17
CA ASP A 75 5.94 0.89 -33.47
C ASP A 75 7.07 1.26 -34.43
N ARG A 76 7.04 0.67 -35.62
CA ARG A 76 7.86 1.12 -36.72
C ARG A 76 7.10 2.18 -37.53
N ASP A 77 7.82 2.87 -38.41
CA ASP A 77 7.20 3.92 -39.22
C ASP A 77 6.16 3.33 -40.17
N GLY A 78 4.96 3.90 -40.15
CA GLY A 78 3.88 3.48 -41.01
C GLY A 78 3.35 2.09 -40.68
N LEU A 79 3.88 1.51 -39.62
CA LEU A 79 3.55 0.15 -39.21
C LEU A 79 3.37 0.12 -37.70
N PRO A 80 2.19 0.51 -37.22
CA PRO A 80 1.95 0.48 -35.77
C PRO A 80 1.91 -0.97 -35.27
N ALA A 81 2.58 -1.21 -34.15
CA ALA A 81 2.62 -2.55 -33.57
C ALA A 81 1.25 -2.94 -33.03
N GLU A 82 1.01 -4.24 -32.96
CA GLU A 82 -0.15 -4.72 -32.25
C GLU A 82 -0.14 -4.15 -30.83
N ARG A 83 -1.34 -3.83 -30.33
CA ARG A 83 -1.52 -3.43 -28.94
C ARG A 83 -2.00 -4.63 -28.13
N LEU A 84 -1.29 -4.97 -27.07
CA LEU A 84 -1.68 -6.11 -26.25
C LEU A 84 -1.56 -5.76 -24.77
N LYS A 85 -2.64 -6.00 -24.02
CA LYS A 85 -2.56 -6.04 -22.56
C LYS A 85 -1.76 -7.28 -22.13
N CYS A 86 -0.65 -7.09 -21.42
CA CYS A 86 0.34 -8.16 -21.23
C CYS A 86 1.35 -7.74 -20.17
N ALA A 87 2.45 -8.49 -20.06
CA ALA A 87 3.48 -8.23 -19.06
C ALA A 87 4.19 -6.89 -19.29
N LEU A 88 4.03 -6.30 -20.47
CA LEU A 88 4.81 -5.12 -20.85
C LEU A 88 4.23 -3.84 -20.26
N VAL A 89 5.12 -3.02 -19.69
CA VAL A 89 4.81 -1.63 -19.35
C VAL A 89 5.82 -0.73 -20.07
N GLU A 90 5.41 0.52 -20.31
CA GLU A 90 6.24 1.46 -21.04
C GLU A 90 6.36 2.77 -20.26
N ALA A 91 7.29 3.62 -20.68
CA ALA A 91 7.53 4.87 -19.97
C ALA A 91 6.29 5.75 -19.98
N ARG A 92 5.52 5.74 -21.07
CA ARG A 92 4.34 6.58 -21.15
C ARG A 92 3.28 6.19 -20.13
N MET A 93 3.35 4.99 -19.55
CA MET A 93 2.38 4.54 -18.55
C MET A 93 2.73 5.04 -17.15
N LEU A 94 3.93 5.56 -16.93
CA LEU A 94 4.28 6.05 -15.61
C LEU A 94 3.45 7.30 -15.27
N LEU A 95 3.36 7.57 -13.97
CA LEU A 95 2.57 8.70 -13.50
C LEU A 95 3.35 9.60 -12.57
N GLY A 96 4.02 9.03 -11.56
CA GLY A 96 4.64 9.89 -10.56
C GLY A 96 5.47 9.11 -9.56
N VAL A 97 6.06 9.88 -8.64
CA VAL A 97 6.83 9.34 -7.52
C VAL A 97 5.89 9.11 -6.36
N VAL A 98 5.86 7.87 -5.85
CA VAL A 98 4.93 7.51 -4.78
C VAL A 98 5.30 8.19 -3.47
N GLU A 99 4.29 8.77 -2.80
CA GLU A 99 4.44 9.16 -1.40
C GLU A 99 3.75 8.20 -0.45
N ARG A 100 2.49 7.84 -0.71
CA ARG A 100 1.79 6.84 0.09
C ARG A 100 0.62 6.31 -0.72
N ASP A 101 -0.02 5.27 -0.20
CA ASP A 101 -1.31 4.83 -0.74
C ASP A 101 -2.39 4.95 0.33
N GLN A 102 -3.62 4.72 -0.11
CA GLN A 102 -4.80 4.70 0.76
C GLN A 102 -5.69 3.59 0.23
N VAL A 103 -6.00 2.61 1.06
CA VAL A 103 -6.75 1.42 0.64
C VAL A 103 -8.12 1.52 1.31
N ALA A 104 -9.13 1.88 0.53
CA ALA A 104 -10.45 2.20 1.05
C ALA A 104 -11.38 1.00 0.90
N GLU A 105 -12.63 1.17 1.35
CA GLU A 105 -13.64 0.10 1.27
C GLU A 105 -14.00 -0.27 -0.17
N ASP A 106 -13.81 0.63 -1.12
CA ASP A 106 -14.31 0.38 -2.47
C ASP A 106 -13.34 0.81 -3.55
N HIS A 107 -12.14 1.26 -3.21
CA HIS A 107 -11.14 1.64 -4.20
C HIS A 107 -9.78 1.70 -3.52
N VAL A 108 -8.73 1.76 -4.34
CA VAL A 108 -7.39 2.01 -3.83
C VAL A 108 -6.87 3.28 -4.50
N ALA A 109 -6.17 4.11 -3.72
CA ALA A 109 -5.60 5.36 -4.20
C ALA A 109 -4.11 5.39 -3.90
N VAL A 110 -3.34 5.94 -4.85
CA VAL A 110 -1.92 6.18 -4.65
C VAL A 110 -1.67 7.68 -4.82
N PHE A 111 -1.08 8.30 -3.80
CA PHE A 111 -0.74 9.71 -3.84
C PHE A 111 0.73 9.84 -4.24
N HIS A 112 0.99 10.59 -5.31
CA HIS A 112 2.31 10.68 -5.91
C HIS A 112 2.63 12.13 -6.27
N ARG A 113 3.93 12.40 -6.48
CA ARG A 113 4.36 13.65 -7.12
C ARG A 113 4.45 13.41 -8.63
N PRO A 114 3.60 14.03 -9.46
CA PRO A 114 3.60 13.69 -10.88
C PRO A 114 4.94 13.98 -11.55
N LEU A 115 5.32 13.10 -12.48
CA LEU A 115 6.58 13.20 -13.20
C LEU A 115 6.41 14.00 -14.49
N GLY A 116 7.42 14.82 -14.82
CA GLY A 116 7.46 15.41 -16.14
C GLY A 116 7.67 14.36 -17.21
N GLU A 117 7.26 14.69 -18.44
CA GLU A 117 7.39 13.70 -19.50
C GLU A 117 8.86 13.31 -19.74
N ALA A 118 9.78 14.25 -19.53
CA ALA A 118 11.19 13.95 -19.72
C ALA A 118 11.73 13.02 -18.65
N GLU A 119 11.39 13.27 -17.38
CA GLU A 119 11.93 12.41 -16.33
C GLU A 119 11.33 11.01 -16.40
N LYS A 120 10.09 10.92 -16.90
CA LYS A 120 9.50 9.61 -17.20
C LYS A 120 10.44 8.81 -18.09
N ALA A 121 10.88 9.42 -19.19
CA ALA A 121 11.78 8.75 -20.12
C ALA A 121 13.11 8.39 -19.45
N GLU A 122 13.70 9.32 -18.69
CA GLU A 122 14.99 9.08 -18.07
C GLU A 122 14.90 7.99 -17.02
N LEU A 123 13.93 8.08 -16.11
CA LEU A 123 13.83 7.08 -15.06
C LEU A 123 13.60 5.69 -15.66
N PHE A 124 12.79 5.64 -16.72
CA PHE A 124 12.50 4.38 -17.39
C PHE A 124 13.75 3.81 -18.05
N ALA A 125 14.47 4.65 -18.80
CA ALA A 125 15.76 4.23 -19.35
C ALA A 125 16.67 3.67 -18.25
N ALA A 126 16.71 4.31 -17.08
CA ALA A 126 17.57 3.81 -16.01
C ALA A 126 17.10 2.45 -15.52
N ALA A 127 15.77 2.25 -15.41
CA ALA A 127 15.25 0.91 -15.08
C ALA A 127 15.67 -0.10 -16.15
N VAL A 128 15.47 0.26 -17.43
CA VAL A 128 15.84 -0.61 -18.53
C VAL A 128 17.32 -0.96 -18.48
N ALA A 129 18.16 -0.04 -17.99
CA ALA A 129 19.59 -0.36 -17.96
C ALA A 129 19.99 -1.27 -16.81
N ASP A 130 19.09 -1.56 -15.87
CA ASP A 130 19.45 -2.28 -14.64
C ASP A 130 18.39 -3.35 -14.36
N PRO A 131 18.64 -4.60 -14.77
CA PRO A 131 17.65 -5.68 -14.57
C PRO A 131 17.40 -6.07 -13.12
N THR A 132 18.12 -5.51 -12.13
CA THR A 132 17.77 -5.69 -10.73
C THR A 132 16.62 -4.79 -10.30
N THR A 133 16.27 -3.80 -11.11
CA THR A 133 15.12 -2.94 -10.84
C THR A 133 13.87 -3.78 -10.59
N ASP A 134 13.20 -3.55 -9.46
CA ASP A 134 11.97 -4.29 -9.20
C ASP A 134 10.81 -3.65 -9.94
N LEU A 135 9.92 -4.49 -10.45
CA LEU A 135 8.63 -4.06 -10.99
C LEU A 135 7.56 -4.92 -10.33
N TYR A 136 6.59 -4.29 -9.67
CA TYR A 136 5.65 -5.07 -8.89
C TYR A 136 4.30 -4.38 -8.88
N TYR A 137 3.28 -5.15 -8.49
CA TYR A 137 1.87 -4.75 -8.55
C TYR A 137 1.28 -5.05 -7.18
N PRO A 138 1.30 -4.08 -6.26
CA PRO A 138 0.98 -4.38 -4.86
C PRO A 138 -0.49 -4.63 -4.60
N TYR A 139 -1.38 -4.28 -5.53
CA TYR A 139 -2.82 -4.52 -5.37
C TYR A 139 -3.30 -5.60 -6.36
N ALA A 140 -2.40 -6.50 -6.75
CA ALA A 140 -2.68 -7.47 -7.79
C ALA A 140 -3.91 -8.31 -7.46
N GLN A 141 -4.11 -8.61 -6.17
CA GLN A 141 -5.18 -9.48 -5.72
C GLN A 141 -6.32 -8.68 -5.08
N LEU A 142 -6.37 -7.39 -5.34
CA LEU A 142 -7.36 -6.50 -4.75
C LEU A 142 -8.47 -6.21 -5.77
N GLY A 143 -9.71 -6.30 -5.33
CA GLY A 143 -10.85 -5.92 -6.14
C GLY A 143 -11.70 -7.13 -6.51
N ASP A 144 -12.82 -6.81 -7.17
CA ASP A 144 -13.84 -7.81 -7.48
C ASP A 144 -13.45 -8.67 -8.69
N ARG A 145 -12.78 -8.09 -9.68
CA ARG A 145 -12.50 -8.83 -10.92
C ARG A 145 -11.62 -10.05 -10.67
N VAL A 146 -10.59 -9.92 -9.82
CA VAL A 146 -9.72 -11.09 -9.59
C VAL A 146 -10.43 -12.19 -8.82
N ARG A 147 -11.45 -11.87 -8.04
CA ARG A 147 -12.22 -12.90 -7.35
C ARG A 147 -12.89 -13.87 -8.31
N GLU A 148 -12.97 -13.53 -9.59
CA GLU A 148 -13.55 -14.41 -10.60
C GLU A 148 -12.62 -15.54 -11.04
N THR A 149 -11.54 -15.79 -10.31
CA THR A 149 -10.64 -16.89 -10.63
C THR A 149 -11.27 -18.21 -10.22
N GLU A 150 -11.18 -19.22 -11.10
CA GLU A 150 -11.68 -20.55 -10.79
C GLU A 150 -10.55 -21.56 -10.60
N GLY A 153 -7.24 -28.37 -14.28
CA GLY A 153 -6.92 -26.98 -14.50
C GLY A 153 -7.44 -26.42 -15.82
N TRP A 154 -6.51 -25.92 -16.65
CA TRP A 154 -6.85 -25.16 -17.86
C TRP A 154 -6.96 -26.10 -19.08
N GLU A 155 -8.18 -26.40 -19.52
CA GLU A 155 -8.37 -27.16 -20.76
C GLU A 155 -8.77 -26.16 -21.83
N VAL A 156 -7.88 -25.89 -22.78
CA VAL A 156 -8.09 -24.86 -23.77
C VAL A 156 -7.99 -25.45 -25.17
N THR A 157 -8.56 -24.73 -26.14
CA THR A 157 -8.46 -25.07 -27.55
C THR A 157 -7.09 -24.73 -28.11
N ASP A 158 -6.79 -25.27 -29.29
CA ASP A 158 -5.51 -24.96 -29.94
C ASP A 158 -5.33 -23.46 -30.12
N GLU A 159 -6.40 -22.76 -30.53
CA GLU A 159 -6.25 -21.32 -30.73
C GLU A 159 -6.02 -20.61 -29.40
N SER A 160 -6.79 -20.98 -28.36
CA SER A 160 -6.54 -20.41 -27.04
C SER A 160 -5.12 -20.68 -26.59
N ALA A 161 -4.62 -21.89 -26.86
CA ALA A 161 -3.24 -22.20 -26.51
C ALA A 161 -2.27 -21.36 -27.32
N ARG A 162 -2.60 -21.08 -28.58
CA ARG A 162 -1.69 -20.26 -29.38
C ARG A 162 -1.68 -18.82 -28.87
N GLU A 163 -2.79 -18.37 -28.27
CA GLU A 163 -2.86 -17.04 -27.71
C GLU A 163 -2.08 -16.92 -26.41
N LEU A 164 -2.12 -17.97 -25.58
CA LEU A 164 -1.28 -17.99 -24.37
C LEU A 164 0.19 -17.92 -24.75
N ASP A 165 0.61 -18.76 -25.70
CA ASP A 165 1.99 -18.73 -26.17
C ASP A 165 2.36 -17.35 -26.73
N HIS A 166 1.44 -16.72 -27.46
CA HIS A 166 1.75 -15.47 -28.15
C HIS A 166 2.09 -14.35 -27.18
N ALA A 167 1.36 -14.25 -26.07
CA ALA A 167 1.63 -13.21 -25.08
C ALA A 167 2.90 -13.47 -24.27
N GLU A 168 3.52 -14.64 -24.39
CA GLU A 168 4.77 -14.92 -23.70
C GLU A 168 5.95 -14.97 -24.66
N GLU A 169 5.73 -14.63 -25.94
CA GLU A 169 6.81 -14.54 -26.91
C GLU A 169 7.98 -13.70 -26.41
N VAL A 170 7.70 -12.49 -25.94
CA VAL A 170 8.79 -11.64 -25.44
C VAL A 170 9.55 -12.32 -24.31
N LEU A 171 8.85 -13.10 -23.49
CA LEU A 171 9.51 -13.81 -22.39
C LEU A 171 10.35 -14.98 -22.92
N ARG A 172 9.85 -15.67 -23.94
CA ARG A 172 10.59 -16.81 -24.47
C ARG A 172 11.83 -16.34 -25.23
N ASP A 173 11.81 -15.13 -25.76
CA ASP A 173 12.99 -14.59 -26.45
C ASP A 173 14.04 -14.02 -25.50
N HIS A 174 13.68 -13.63 -24.28
CA HIS A 174 14.60 -12.93 -23.38
C HIS A 174 15.23 -13.84 -22.35
N VAL A 175 14.42 -14.67 -21.68
CA VAL A 175 14.92 -15.39 -20.50
C VAL A 175 16.03 -16.37 -20.84
N PRO A 176 15.94 -17.22 -21.87
CA PRO A 176 17.01 -18.20 -22.11
C PRO A 176 18.39 -17.59 -22.27
N ASP A 177 18.54 -16.64 -23.20
CA ASP A 177 19.82 -15.96 -23.36
C ASP A 177 20.26 -15.33 -22.04
N ARG A 178 19.32 -14.76 -21.29
CA ARG A 178 19.66 -14.07 -20.05
C ARG A 178 20.12 -15.05 -18.99
N LEU A 179 19.50 -16.24 -18.93
CA LEU A 179 19.98 -17.29 -18.04
C LEU A 179 21.43 -17.67 -18.35
N ALA A 180 21.78 -17.69 -19.64
CA ALA A 180 23.18 -17.94 -20.02
C ALA A 180 24.07 -16.82 -19.51
N GLU A 181 23.69 -15.57 -19.75
CA GLU A 181 24.49 -14.45 -19.25
C GLU A 181 24.67 -14.53 -17.74
N LEU A 182 23.69 -15.09 -17.02
CA LEU A 182 23.80 -15.26 -15.59
C LEU A 182 24.43 -16.60 -15.20
N GLY A 183 24.95 -17.37 -16.16
CA GLY A 183 25.79 -18.51 -15.87
C GLY A 183 25.15 -19.87 -16.01
N PHE A 184 23.88 -19.97 -16.39
CA PHE A 184 23.26 -21.29 -16.56
C PHE A 184 23.93 -22.06 -17.68
N ARG A 185 24.25 -23.33 -17.43
CA ARG A 185 24.92 -24.21 -18.38
C ARG A 185 24.17 -25.54 -18.51
N GLY A 186 22.86 -25.47 -18.73
CA GLY A 186 22.11 -26.70 -18.88
C GLY A 186 22.01 -27.53 -17.60
N GLY A 187 21.60 -28.79 -17.80
CA GLY A 187 21.37 -29.71 -16.71
C GLY A 187 19.98 -30.31 -16.76
N VAL A 188 19.24 -30.23 -15.66
CA VAL A 188 17.81 -30.58 -15.62
C VAL A 188 17.03 -29.30 -15.40
N ALA A 189 16.03 -29.04 -16.25
CA ALA A 189 15.18 -27.86 -16.15
C ALA A 189 13.73 -28.28 -15.89
N TYR A 190 13.12 -27.67 -14.87
CA TYR A 190 11.80 -28.08 -14.39
C TYR A 190 10.83 -26.90 -14.41
N ASP A 191 9.69 -27.07 -15.10
CA ASP A 191 8.63 -26.08 -15.14
C ASP A 191 7.43 -26.67 -14.39
N ALA A 192 7.10 -26.09 -13.23
CA ALA A 192 6.08 -26.64 -12.33
C ALA A 192 4.65 -26.34 -12.77
N ALA A 193 4.47 -25.68 -13.90
CA ALA A 193 3.15 -25.43 -14.49
C ALA A 193 3.42 -25.15 -15.95
N CYS A 194 3.76 -26.21 -16.70
CA CYS A 194 4.33 -26.04 -18.03
C CYS A 194 3.29 -25.64 -19.08
N SER A 195 2.01 -25.61 -18.74
CA SER A 195 0.94 -25.41 -19.72
C SER A 195 1.29 -26.11 -21.04
N THR A 196 1.46 -25.35 -22.13
CA THR A 196 1.65 -25.96 -23.45
C THR A 196 3.02 -26.58 -23.65
N GLY A 197 3.98 -26.33 -22.76
CA GLY A 197 5.36 -26.75 -22.95
C GLY A 197 6.21 -25.80 -23.78
N ALA A 198 5.61 -24.78 -24.41
CA ALA A 198 6.40 -23.90 -25.28
C ALA A 198 7.54 -23.22 -24.53
N PHE A 199 7.31 -22.78 -23.30
CA PHE A 199 8.36 -22.01 -22.63
C PHE A 199 9.55 -22.90 -22.28
N LEU A 200 9.28 -24.04 -21.65
CA LEU A 200 10.40 -24.92 -21.33
C LEU A 200 11.06 -25.47 -22.59
N GLN A 201 10.29 -25.66 -23.66
CA GLN A 201 10.91 -26.07 -24.92
C GLN A 201 11.95 -25.04 -25.37
N ALA A 202 11.67 -23.74 -25.16
CA ALA A 202 12.63 -22.72 -25.59
C ALA A 202 13.88 -22.72 -24.73
N VAL A 203 13.74 -23.04 -23.45
CA VAL A 203 14.89 -23.22 -22.57
C VAL A 203 15.75 -24.38 -23.06
N GLY A 204 15.10 -25.51 -23.38
CA GLY A 204 15.85 -26.64 -23.90
C GLY A 204 16.61 -26.30 -25.17
N ARG A 205 15.96 -25.63 -26.11
CA ARG A 205 16.62 -25.29 -27.38
C ARG A 205 17.86 -24.45 -27.15
N ARG A 206 17.79 -23.49 -26.23
CA ARG A 206 18.93 -22.61 -25.97
C ARG A 206 20.09 -23.36 -25.34
N PHE A 207 19.81 -24.45 -24.62
CA PHE A 207 20.83 -25.17 -23.85
C PHE A 207 20.80 -26.64 -24.22
N PRO A 208 21.48 -27.01 -25.31
CA PRO A 208 21.43 -28.41 -25.78
C PRO A 208 21.88 -29.41 -24.73
N GLY A 209 21.25 -30.58 -24.74
CA GLY A 209 21.51 -31.57 -23.74
C GLY A 209 20.75 -31.38 -22.44
N THR A 210 20.11 -30.24 -22.24
CA THR A 210 19.28 -30.05 -21.05
C THR A 210 18.03 -30.89 -21.14
N ARG A 211 17.73 -31.61 -20.06
CA ARG A 211 16.50 -32.37 -19.97
C ARG A 211 15.39 -31.45 -19.51
N THR A 212 14.31 -31.40 -20.28
CA THR A 212 13.17 -30.54 -19.95
C THR A 212 12.10 -31.39 -19.30
N ILE A 213 11.77 -31.06 -18.06
CA ILE A 213 10.74 -31.75 -17.29
C ILE A 213 9.61 -30.76 -16.97
N GLY A 214 8.42 -31.02 -17.49
CA GLY A 214 7.26 -30.20 -17.24
C GLY A 214 6.29 -30.90 -16.30
N GLN A 215 5.53 -30.11 -15.57
CA GLN A 215 4.40 -30.58 -14.77
C GLN A 215 3.29 -29.56 -14.93
N ASP A 216 2.04 -30.05 -14.95
CA ASP A 216 0.92 -29.15 -14.99
C ASP A 216 -0.29 -29.81 -14.34
N LEU A 217 -1.13 -28.98 -13.72
CA LEU A 217 -2.34 -29.51 -13.10
C LEU A 217 -3.30 -30.08 -14.13
N SER A 218 -3.28 -29.56 -15.35
CA SER A 218 -4.31 -29.96 -16.33
C SER A 218 -3.83 -31.13 -17.17
N PRO A 219 -4.62 -32.21 -17.24
CA PRO A 219 -4.27 -33.32 -18.15
C PRO A 219 -4.24 -32.89 -19.60
N ALA A 220 -5.11 -31.96 -19.98
CA ALA A 220 -5.12 -31.51 -21.37
C ALA A 220 -3.85 -30.76 -21.71
N MET A 221 -3.31 -29.99 -20.75
CA MET A 221 -2.07 -29.26 -20.97
C MET A 221 -0.91 -30.24 -21.14
N VAL A 222 -0.86 -31.24 -20.25
CA VAL A 222 0.18 -32.26 -20.31
C VAL A 222 0.17 -32.94 -21.67
N ALA A 223 -1.03 -33.29 -22.16
CA ALA A 223 -1.14 -33.85 -23.50
C ALA A 223 -0.44 -32.97 -24.53
N ARG A 224 -0.61 -31.65 -24.42
CA ARG A 224 0.09 -30.75 -25.35
C ARG A 224 1.59 -30.74 -25.10
N ALA A 225 2.01 -30.73 -23.83
CA ALA A 225 3.44 -30.64 -23.53
C ALA A 225 4.17 -31.96 -23.80
N ARG A 226 3.49 -33.10 -23.82
CA ARG A 226 4.18 -34.32 -24.24
C ARG A 226 4.73 -34.20 -25.66
N THR A 227 4.22 -33.27 -26.47
CA THR A 227 4.73 -33.05 -27.82
C THR A 227 6.00 -32.21 -27.86
N ARG A 228 6.40 -31.55 -26.76
CA ARG A 228 7.51 -30.59 -26.75
C ARG A 228 8.57 -30.81 -25.68
N LEU A 229 8.27 -31.51 -24.59
CA LEU A 229 9.22 -31.68 -23.50
C LEU A 229 9.73 -33.12 -23.45
N ASP A 230 10.86 -33.32 -22.77
CA ASP A 230 11.34 -34.68 -22.56
C ASP A 230 10.42 -35.44 -21.63
N GLU A 231 9.85 -34.77 -20.64
CA GLU A 231 8.91 -35.37 -19.69
C GLU A 231 7.76 -34.39 -19.48
N ALA A 232 6.56 -34.92 -19.27
CA ALA A 232 5.41 -34.08 -18.96
C ALA A 232 4.56 -34.84 -17.97
N HIS A 233 4.44 -34.33 -16.75
CA HIS A 233 3.75 -34.99 -15.65
C HIS A 233 2.47 -34.24 -15.33
N CYS A 234 1.42 -34.98 -14.99
CA CYS A 234 0.18 -34.34 -14.59
C CYS A 234 0.04 -34.45 -13.08
N GLY A 235 -0.29 -33.32 -12.44
CA GLY A 235 -0.49 -33.26 -11.01
C GLY A 235 -0.33 -31.85 -10.46
N ASP A 236 -1.04 -31.54 -9.38
CA ASP A 236 -0.90 -30.26 -8.70
C ASP A 236 0.55 -30.04 -8.28
N GLY A 237 1.11 -28.88 -8.63
CA GLY A 237 2.51 -28.59 -8.32
C GLY A 237 2.84 -28.65 -6.84
N ILE A 238 1.84 -28.55 -5.97
CA ILE A 238 2.04 -28.72 -4.54
C ILE A 238 2.57 -30.12 -4.22
N ARG A 239 2.38 -31.08 -5.11
CA ARG A 239 3.03 -32.39 -5.01
C ARG A 239 3.96 -32.51 -6.21
N PRO A 240 5.20 -32.05 -6.10
CA PRO A 240 6.09 -32.05 -7.27
C PRO A 240 6.35 -33.48 -7.74
N ALA A 241 6.46 -33.65 -9.06
CA ALA A 241 6.59 -34.98 -9.65
C ALA A 241 8.05 -35.45 -9.73
N ILE A 242 8.99 -34.62 -9.31
CA ILE A 242 10.41 -34.96 -9.38
C ILE A 242 10.97 -34.82 -7.97
N PRO A 243 12.12 -35.45 -7.69
CA PRO A 243 12.62 -35.45 -6.31
C PRO A 243 13.22 -34.11 -5.90
N GLU A 244 13.36 -33.94 -4.58
CA GLU A 244 13.95 -32.73 -4.04
C GLU A 244 15.33 -32.49 -4.63
N ALA A 245 15.72 -31.22 -4.70
CA ALA A 245 17.07 -30.81 -5.06
C ALA A 245 17.60 -31.58 -6.26
N SER A 246 16.76 -31.81 -7.25
CA SER A 246 17.14 -32.57 -8.44
C SER A 246 17.18 -31.73 -9.70
N ALA A 247 16.79 -30.46 -9.64
CA ALA A 247 16.69 -29.63 -10.82
C ALA A 247 17.68 -28.48 -10.71
N ASP A 248 18.33 -28.17 -11.83
CA ASP A 248 19.26 -27.05 -11.91
C ASP A 248 18.56 -25.72 -12.15
N LEU A 249 17.36 -25.74 -12.74
CA LEU A 249 16.55 -24.57 -13.03
C LEU A 249 15.10 -24.96 -12.79
N VAL A 250 14.38 -24.12 -12.05
CA VAL A 250 12.96 -24.28 -11.79
C VAL A 250 12.24 -23.02 -12.28
N VAL A 251 11.17 -23.21 -13.05
CA VAL A 251 10.40 -22.13 -13.66
C VAL A 251 8.96 -22.18 -13.14
N CYS A 252 8.43 -21.02 -12.74
CA CYS A 252 7.05 -20.88 -12.31
C CYS A 252 6.43 -19.69 -13.03
N ARG A 253 5.50 -19.95 -13.94
CA ARG A 253 4.83 -18.89 -14.67
C ARG A 253 3.35 -18.79 -14.32
N HIS A 254 2.96 -19.32 -13.18
CA HIS A 254 1.56 -19.40 -12.81
C HIS A 254 1.21 -18.75 -11.47
N LEU A 255 2.22 -18.27 -10.73
CA LEU A 255 1.99 -17.67 -9.41
C LEU A 255 1.52 -16.22 -9.60
N ASN A 256 0.39 -16.08 -10.31
CA ASN A 256 -0.02 -14.84 -10.95
C ASN A 256 -1.48 -14.53 -10.63
N ALA A 257 -1.84 -13.26 -10.78
CA ALA A 257 -3.25 -12.88 -10.67
C ALA A 257 -4.07 -13.52 -11.79
N PHE A 258 -5.28 -13.95 -11.43
CA PHE A 258 -6.21 -14.68 -12.30
C PHE A 258 -5.79 -16.13 -12.52
N VAL A 259 -4.76 -16.60 -11.83
CA VAL A 259 -4.33 -18.00 -11.92
C VAL A 259 -4.46 -18.71 -10.57
N VAL A 260 -3.85 -18.15 -9.52
CA VAL A 260 -3.94 -18.70 -8.17
C VAL A 260 -4.15 -17.55 -7.19
N GLY A 261 -4.38 -17.90 -5.92
CA GLY A 261 -4.40 -16.91 -4.86
C GLY A 261 -3.03 -16.68 -4.23
N THR A 262 -2.97 -15.68 -3.33
CA THR A 262 -1.69 -15.22 -2.78
C THR A 262 -1.02 -16.29 -1.92
N GLY A 263 -1.71 -16.80 -0.90
CA GLY A 263 -1.13 -17.86 -0.10
C GLY A 263 -0.85 -19.12 -0.91
N GLN A 264 -1.74 -19.42 -1.87
CA GLN A 264 -1.47 -20.49 -2.82
C GLN A 264 -0.16 -20.24 -3.56
N ALA A 265 0.07 -19.01 -4.01
CA ALA A 265 1.29 -18.74 -4.76
C ALA A 265 2.54 -18.99 -3.90
N HIS A 266 2.48 -18.64 -2.60
CA HIS A 266 3.61 -18.89 -1.70
C HIS A 266 3.84 -20.39 -1.50
N ASP A 267 2.77 -21.15 -1.23
CA ASP A 267 2.95 -22.58 -1.02
C ASP A 267 3.47 -23.25 -2.28
N LEU A 268 2.99 -22.82 -3.45
CA LEU A 268 3.47 -23.41 -4.70
C LEU A 268 4.91 -23.02 -4.99
N LEU A 269 5.30 -21.78 -4.67
CA LEU A 269 6.70 -21.41 -4.79
C LEU A 269 7.59 -22.30 -3.92
N ALA A 270 7.18 -22.53 -2.67
CA ALA A 270 8.00 -23.36 -1.78
C ALA A 270 8.11 -24.78 -2.33
N ALA A 271 7.01 -25.35 -2.82
CA ALA A 271 7.11 -26.69 -3.41
C ALA A 271 8.02 -26.70 -4.63
N ALA A 272 7.91 -25.69 -5.50
CA ALA A 272 8.73 -25.69 -6.69
C ALA A 272 10.20 -25.47 -6.37
N ALA A 273 10.49 -24.50 -5.49
CA ALA A 273 11.88 -24.16 -5.18
C ALA A 273 12.58 -25.31 -4.48
N SER A 274 11.84 -26.10 -3.69
CA SER A 274 12.38 -27.30 -3.06
C SER A 274 12.89 -28.32 -4.08
N ARG A 275 12.44 -28.26 -5.33
CA ARG A 275 12.99 -29.11 -6.37
C ARG A 275 14.31 -28.59 -6.95
N CYS A 276 14.63 -27.34 -6.70
CA CYS A 276 15.89 -26.76 -7.17
C CYS A 276 17.03 -27.16 -6.24
N ARG A 277 18.15 -27.58 -6.81
CA ARG A 277 19.32 -27.82 -5.98
C ARG A 277 19.90 -26.50 -5.48
N GLU A 278 20.63 -26.58 -4.37
CA GLU A 278 21.39 -25.43 -3.88
C GLU A 278 22.32 -24.91 -4.95
N GLY A 279 22.37 -23.59 -5.10
CA GLY A 279 23.11 -22.97 -6.17
C GLY A 279 22.40 -22.95 -7.50
N GLY A 280 21.24 -23.59 -7.59
CA GLY A 280 20.44 -23.54 -8.80
C GLY A 280 19.71 -22.23 -8.93
N LEU A 281 18.86 -22.17 -9.96
CA LEU A 281 18.12 -20.95 -10.31
C LEU A 281 16.61 -21.23 -10.33
N VAL A 282 15.85 -20.32 -9.75
CA VAL A 282 14.39 -20.35 -9.77
C VAL A 282 13.91 -19.10 -10.50
N VAL A 283 13.07 -19.27 -11.52
CA VAL A 283 12.59 -18.17 -12.35
C VAL A 283 11.08 -18.03 -12.18
N LEU A 284 10.62 -16.81 -11.89
CA LEU A 284 9.21 -16.47 -11.78
C LEU A 284 8.88 -15.42 -12.82
N LEU A 285 7.85 -15.70 -13.62
CA LEU A 285 7.35 -14.82 -14.67
C LEU A 285 5.83 -14.75 -14.57
N GLY A 286 5.26 -13.74 -15.23
CA GLY A 286 3.82 -13.67 -15.36
C GLY A 286 3.29 -12.84 -16.51
N HIS A 287 2.37 -13.43 -17.28
CA HIS A 287 1.55 -12.65 -18.20
C HIS A 287 0.74 -11.60 -17.43
N THR A 288 0.10 -12.02 -16.36
CA THR A 288 -0.52 -11.16 -15.37
C THR A 288 0.42 -11.00 -14.18
N PRO A 289 0.14 -10.03 -13.29
CA PRO A 289 1.09 -9.76 -12.19
C PRO A 289 1.47 -10.98 -11.36
N VAL A 290 2.77 -11.06 -11.05
CA VAL A 290 3.30 -12.05 -10.14
C VAL A 290 2.89 -11.70 -8.71
N LEU A 291 2.43 -12.70 -7.96
CA LEU A 291 1.85 -12.45 -6.64
C LEU A 291 2.86 -12.51 -5.51
N VAL A 292 4.05 -13.05 -5.74
CA VAL A 292 5.08 -13.15 -4.72
C VAL A 292 6.04 -11.98 -4.89
N SER A 293 6.41 -11.36 -3.77
CA SER A 293 7.32 -10.23 -3.75
C SER A 293 8.76 -10.75 -3.81
N SER A 294 9.67 -9.90 -4.30
CA SER A 294 11.08 -10.26 -4.18
C SER A 294 11.51 -10.35 -2.72
N GLN A 295 10.91 -9.53 -1.85
CA GLN A 295 11.22 -9.61 -0.42
C GLN A 295 10.88 -10.98 0.16
N TRP A 296 9.70 -11.53 -0.19
CA TRP A 296 9.36 -12.87 0.26
C TRP A 296 10.35 -13.89 -0.28
N CYS A 297 10.79 -13.71 -1.53
CA CYS A 297 11.83 -14.58 -2.08
C CYS A 297 13.09 -14.52 -1.22
N GLU A 298 13.54 -13.30 -0.90
CA GLU A 298 14.68 -13.16 0.00
C GLU A 298 14.42 -13.90 1.31
N MET A 299 13.25 -13.67 1.89
CA MET A 299 12.93 -14.29 3.16
C MET A 299 12.99 -15.81 3.07
N SER A 300 12.75 -16.35 1.87
CA SER A 300 12.75 -17.79 1.63
C SER A 300 14.12 -18.32 1.26
N GLY A 301 15.17 -17.51 1.38
CA GLY A 301 16.48 -17.93 0.97
C GLY A 301 16.66 -18.02 -0.52
N LEU A 302 15.98 -17.17 -1.29
CA LEU A 302 16.13 -17.09 -2.74
C LEU A 302 16.58 -15.67 -3.08
N THR A 303 17.82 -15.55 -3.50
CA THR A 303 18.41 -14.25 -3.76
C THR A 303 18.06 -13.74 -5.16
N PRO A 304 17.33 -12.63 -5.29
CA PRO A 304 17.07 -12.07 -6.62
C PRO A 304 18.35 -11.59 -7.30
N LEU A 305 18.73 -12.27 -8.39
CA LEU A 305 19.77 -11.77 -9.27
C LEU A 305 19.21 -10.87 -10.36
N GLN A 306 17.93 -11.02 -10.66
CA GLN A 306 17.22 -10.19 -11.64
C GLN A 306 15.79 -10.07 -11.17
N ARG A 307 15.18 -8.89 -11.36
CA ARG A 307 13.76 -8.72 -11.07
C ARG A 307 12.95 -8.24 -12.26
N SER A 308 13.58 -7.67 -13.29
CA SER A 308 12.85 -7.21 -14.47
C SER A 308 13.70 -7.39 -15.71
N GLY A 309 13.04 -7.41 -16.85
CA GLY A 309 13.73 -7.48 -18.12
C GLY A 309 13.16 -6.44 -19.07
N ALA A 310 14.00 -6.03 -20.01
CA ALA A 310 13.61 -5.06 -21.04
C ALA A 310 13.58 -5.74 -22.40
N THR A 311 12.66 -5.26 -23.25
CA THR A 311 12.70 -5.64 -24.66
C THR A 311 14.02 -5.15 -25.26
N PRO A 312 14.48 -5.77 -26.35
CA PRO A 312 15.76 -5.35 -26.94
C PRO A 312 15.80 -3.89 -27.34
N SER A 313 14.66 -3.31 -27.72
CA SER A 313 14.61 -1.89 -28.07
C SER A 313 14.70 -0.96 -26.87
N GLY A 314 14.54 -1.48 -25.66
CA GLY A 314 14.32 -0.65 -24.50
C GLY A 314 12.94 -0.03 -24.38
N HIS A 315 12.00 -0.34 -25.27
CA HIS A 315 10.71 0.33 -25.21
C HIS A 315 9.83 -0.14 -24.06
N ALA A 316 10.09 -1.32 -23.50
CA ALA A 316 9.18 -1.86 -22.49
C ALA A 316 9.94 -2.72 -21.48
N LEU A 317 9.34 -2.82 -20.29
CA LEU A 317 9.87 -3.62 -19.19
C LEU A 317 8.84 -4.67 -18.80
N PHE A 318 9.30 -5.73 -18.17
CA PHE A 318 8.42 -6.80 -17.72
C PHE A 318 9.04 -7.50 -16.52
N GLN A 319 8.18 -7.98 -15.64
CA GLN A 319 8.67 -8.74 -14.50
C GLN A 319 9.49 -9.93 -14.97
N CYS A 320 10.65 -10.15 -14.33
CA CYS A 320 11.48 -11.32 -14.64
C CYS A 320 12.34 -11.64 -13.41
N TYR A 321 11.79 -12.41 -12.49
CA TYR A 321 12.47 -12.73 -11.25
C TYR A 321 13.37 -13.95 -11.49
N VAL A 322 14.68 -13.74 -11.46
CA VAL A 322 15.66 -14.83 -11.51
C VAL A 322 16.35 -14.88 -10.14
N LEU A 323 16.18 -16.01 -9.45
CA LEU A 323 16.57 -16.16 -8.06
C LEU A 323 17.60 -17.28 -7.92
N ARG A 324 18.61 -17.04 -7.08
CA ARG A 324 19.59 -18.06 -6.74
C ARG A 324 19.12 -18.78 -5.49
N LYS A 325 19.11 -20.11 -5.54
CA LYS A 325 18.74 -20.90 -4.38
C LYS A 325 19.96 -21.09 -3.48
N GLY A 326 19.88 -20.61 -2.24
CA GLY A 326 21.02 -20.63 -1.34
C GLY A 326 21.12 -21.85 -0.43
N ALA B 36 17.99 -9.30 5.64
CA ALA B 36 16.83 -9.92 5.02
C ALA B 36 15.56 -9.24 5.52
N PRO B 37 14.59 -9.05 4.63
CA PRO B 37 13.37 -8.35 5.03
C PRO B 37 12.57 -9.18 6.02
N ASP B 38 11.57 -8.53 6.60
CA ASP B 38 10.53 -9.21 7.36
C ASP B 38 9.17 -8.75 6.87
N ARG B 39 8.11 -9.39 7.37
CA ARG B 39 6.77 -9.10 6.91
C ARG B 39 5.82 -8.97 8.09
N VAL B 40 5.03 -7.91 8.13
CA VAL B 40 3.95 -7.76 9.10
C VAL B 40 2.61 -7.95 8.37
N VAL B 41 1.71 -8.74 8.96
CA VAL B 41 0.44 -9.13 8.36
C VAL B 41 -0.72 -8.69 9.26
N GLU B 42 -1.79 -8.16 8.63
CA GLU B 42 -3.11 -8.13 9.26
C GLU B 42 -4.13 -8.76 8.29
N THR B 43 -4.86 -9.77 8.77
CA THR B 43 -5.92 -10.37 7.98
C THR B 43 -7.19 -9.50 8.05
N TYR B 44 -8.05 -9.67 7.05
CA TYR B 44 -9.26 -8.84 6.96
C TYR B 44 -10.36 -9.30 7.91
N ALA B 45 -10.49 -10.61 8.11
CA ALA B 45 -11.62 -11.14 8.88
C ALA B 45 -11.43 -10.87 10.36
N GLU B 46 -10.31 -11.32 10.93
CA GLU B 46 -10.06 -11.19 12.35
C GLU B 46 -9.01 -10.16 12.71
N GLY B 47 -8.22 -9.68 11.74
CA GLY B 47 -7.12 -8.79 12.03
C GLY B 47 -7.58 -7.35 12.17
N LYS B 48 -6.59 -6.47 12.33
CA LYS B 48 -6.81 -5.04 12.52
C LYS B 48 -5.90 -4.26 11.58
N PRO B 49 -6.25 -4.19 10.30
CA PRO B 49 -5.42 -3.45 9.35
C PRO B 49 -5.30 -1.99 9.71
N TYR B 50 -6.28 -1.43 10.42
CA TYR B 50 -6.19 -0.06 10.90
C TYR B 50 -5.11 0.17 11.96
N ASP B 51 -4.58 -0.89 12.57
CA ASP B 51 -3.50 -0.67 13.54
C ASP B 51 -2.12 -0.60 12.91
N LEU B 52 -1.97 -0.90 11.63
CA LEU B 52 -0.70 -0.69 10.93
C LEU B 52 -0.53 0.80 10.66
N PHE B 53 0.47 1.40 11.27
CA PHE B 53 0.73 2.82 11.07
C PHE B 53 2.08 3.02 10.39
N PHE B 54 2.21 4.18 9.78
CA PHE B 54 3.38 4.59 9.03
C PHE B 54 3.84 5.95 9.50
N LEU B 55 5.15 6.10 9.58
CA LEU B 55 5.79 7.39 9.85
C LEU B 55 6.63 7.78 8.64
N ASP B 56 6.40 8.98 8.12
CA ASP B 56 7.24 9.52 7.03
C ASP B 56 8.21 10.50 7.68
N VAL B 57 9.38 9.99 8.04
CA VAL B 57 10.41 10.83 8.68
C VAL B 57 11.29 11.32 7.54
N ALA B 58 10.78 12.35 6.82
CA ALA B 58 11.50 13.05 5.76
C ALA B 58 11.85 12.10 4.60
N GLY B 59 10.80 11.61 3.94
CA GLY B 59 10.97 10.69 2.84
C GLY B 59 11.20 9.24 3.23
N VAL B 60 11.76 8.99 4.41
CA VAL B 60 12.01 7.63 4.90
C VAL B 60 10.76 7.12 5.59
N ARG B 61 10.19 6.04 5.07
CA ARG B 61 8.93 5.52 5.57
C ARG B 61 9.17 4.37 6.55
N LEU B 62 8.57 4.48 7.74
CA LEU B 62 8.61 3.44 8.76
C LEU B 62 7.22 2.85 8.96
N VAL B 63 7.15 1.56 9.29
CA VAL B 63 5.89 0.89 9.59
C VAL B 63 5.93 0.36 11.02
N GLY B 64 4.76 0.42 11.69
CA GLY B 64 4.61 -0.11 13.02
C GLY B 64 3.25 -0.79 13.15
N ARG B 65 3.06 -1.46 14.29
CA ARG B 65 1.74 -1.92 14.68
C ARG B 65 1.40 -1.30 16.02
N LYS B 66 0.29 -0.57 16.06
CA LYS B 66 -0.18 0.08 17.28
C LYS B 66 -0.64 -0.94 18.31
N THR B 67 -0.17 -0.76 19.54
CA THR B 67 -0.68 -1.47 20.71
C THR B 67 -1.18 -0.45 21.72
N GLU B 68 -1.59 -0.94 22.89
CA GLU B 68 -1.97 -0.03 23.97
C GLU B 68 -0.77 0.84 24.37
N ALA B 69 -1.03 2.13 24.58
CA ALA B 69 0.00 3.10 24.91
C ALA B 69 -0.08 3.53 26.37
N ALA B 70 1.09 3.89 26.93
CA ALA B 70 1.16 4.64 28.18
C ALA B 70 0.34 5.93 28.08
N TYR B 71 -0.76 6.02 28.84
CA TYR B 71 -1.68 7.13 28.73
C TYR B 71 -1.84 7.86 30.07
N PRO B 72 -1.86 9.21 30.06
CA PRO B 72 -1.62 10.06 28.89
C PRO B 72 -0.15 10.30 28.68
N GLY B 73 0.65 9.99 29.71
CA GLY B 73 2.07 10.26 29.69
C GLY B 73 2.90 9.05 30.06
N PRO B 74 4.22 9.22 30.03
CA PRO B 74 5.12 8.11 30.31
C PRO B 74 4.98 7.58 31.73
N ASP B 75 5.38 6.31 31.89
CA ASP B 75 5.53 5.73 33.22
C ASP B 75 6.36 6.64 34.11
N ARG B 76 6.01 6.68 35.39
CA ARG B 76 6.77 7.42 36.37
C ARG B 76 7.58 6.45 37.21
N ASP B 77 8.14 6.97 38.31
CA ASP B 77 8.99 6.19 39.20
C ASP B 77 8.23 5.03 39.83
N GLY B 78 7.29 5.32 40.74
CA GLY B 78 6.55 4.26 41.40
C GLY B 78 5.18 4.00 40.78
N LEU B 79 4.80 4.82 39.80
CA LEU B 79 3.48 4.71 39.20
C LEU B 79 3.60 4.17 37.78
N PRO B 80 3.15 2.95 37.50
CA PRO B 80 2.94 2.56 36.11
C PRO B 80 1.79 3.37 35.53
N ALA B 81 1.96 3.83 34.29
CA ALA B 81 0.86 4.55 33.66
C ALA B 81 -0.27 3.57 33.32
N GLU B 82 -1.45 4.13 33.05
CA GLU B 82 -2.52 3.35 32.46
C GLU B 82 -2.15 3.04 31.01
N ARG B 83 -2.57 1.87 30.53
CA ARG B 83 -2.33 1.50 29.15
C ARG B 83 -3.66 1.53 28.40
N LEU B 84 -3.71 2.31 27.31
CA LEU B 84 -4.96 2.57 26.62
C LEU B 84 -4.74 2.50 25.10
N LYS B 85 -5.66 1.85 24.40
CA LYS B 85 -5.64 1.81 22.93
C LYS B 85 -6.24 3.13 22.43
N CYS B 86 -5.43 3.96 21.78
CA CYS B 86 -5.83 5.34 21.53
C CYS B 86 -5.06 5.93 20.33
N ALA B 87 -5.03 7.26 20.26
CA ALA B 87 -4.35 7.91 19.14
C ALA B 87 -2.84 7.82 19.25
N LEU B 88 -2.31 7.49 20.43
CA LEU B 88 -0.86 7.52 20.68
C LEU B 88 -0.17 6.29 20.13
N VAL B 89 1.00 6.51 19.51
CA VAL B 89 1.91 5.42 19.22
C VAL B 89 3.24 5.74 19.89
N GLU B 90 4.02 4.68 20.13
CA GLU B 90 5.33 4.85 20.76
C GLU B 90 6.41 4.15 19.92
N ALA B 91 7.67 4.52 20.16
CA ALA B 91 8.80 3.96 19.43
C ALA B 91 8.79 2.43 19.46
N ARG B 92 8.54 1.85 20.63
CA ARG B 92 8.53 0.40 20.76
C ARG B 92 7.53 -0.27 19.82
N MET B 93 6.52 0.46 19.32
CA MET B 93 5.57 -0.17 18.42
C MET B 93 6.05 -0.18 16.97
N LEU B 94 7.12 0.52 16.65
CA LEU B 94 7.65 0.48 15.30
C LEU B 94 8.15 -0.94 14.98
N LEU B 95 8.26 -1.25 13.69
CA LEU B 95 8.74 -2.55 13.26
C LEU B 95 9.96 -2.45 12.35
N GLY B 96 9.92 -1.60 11.32
CA GLY B 96 11.01 -1.59 10.37
C GLY B 96 10.84 -0.51 9.32
N VAL B 97 11.80 -0.47 8.39
CA VAL B 97 11.80 0.48 7.29
C VAL B 97 11.03 -0.13 6.13
N VAL B 98 9.99 0.58 5.66
CA VAL B 98 9.10 0.04 4.65
C VAL B 98 9.87 -0.23 3.36
N GLU B 99 9.65 -1.41 2.78
CA GLU B 99 10.12 -1.71 1.44
C GLU B 99 9.00 -1.69 0.42
N ARG B 100 7.88 -2.34 0.70
CA ARG B 100 6.70 -2.27 -0.15
C ARG B 100 5.57 -2.92 0.63
N ASP B 101 4.34 -2.71 0.15
CA ASP B 101 3.22 -3.44 0.72
C ASP B 101 2.64 -4.39 -0.31
N GLN B 102 1.64 -5.13 0.13
CA GLN B 102 0.99 -6.16 -0.69
C GLN B 102 -0.41 -6.28 -0.11
N VAL B 103 -1.41 -5.77 -0.82
CA VAL B 103 -2.79 -5.77 -0.38
C VAL B 103 -3.46 -6.92 -1.11
N ALA B 104 -3.65 -8.04 -0.42
CA ALA B 104 -4.15 -9.25 -1.06
C ALA B 104 -5.66 -9.39 -0.86
N GLU B 105 -6.17 -10.57 -1.18
CA GLU B 105 -7.61 -10.76 -1.17
C GLU B 105 -8.15 -10.97 0.23
N ASP B 106 -7.32 -11.46 1.16
CA ASP B 106 -7.77 -11.76 2.50
C ASP B 106 -6.91 -11.14 3.61
N HIS B 107 -5.87 -10.40 3.26
CA HIS B 107 -4.99 -9.79 4.25
C HIS B 107 -4.19 -8.70 3.56
N VAL B 108 -3.57 -7.85 4.39
CA VAL B 108 -2.60 -6.88 3.92
C VAL B 108 -1.26 -7.18 4.60
N ALA B 109 -0.18 -7.07 3.84
CA ALA B 109 1.19 -7.33 4.28
C ALA B 109 2.05 -6.11 3.98
N VAL B 110 2.95 -5.79 4.89
CA VAL B 110 3.99 -4.79 4.65
C VAL B 110 5.34 -5.48 4.84
N PHE B 111 6.19 -5.42 3.81
CA PHE B 111 7.55 -5.91 3.91
C PHE B 111 8.48 -4.76 4.30
N HIS B 112 9.43 -5.05 5.18
CA HIS B 112 10.23 -4.00 5.81
C HIS B 112 11.57 -4.57 6.25
N ARG B 113 12.50 -3.64 6.46
CA ARG B 113 13.83 -3.95 6.99
C ARG B 113 13.75 -3.78 8.50
N PRO B 114 13.78 -4.86 9.29
CA PRO B 114 13.55 -4.73 10.75
C PRO B 114 14.52 -3.75 11.38
N LEU B 115 14.05 -3.06 12.43
CA LEU B 115 14.83 -2.12 13.22
C LEU B 115 15.00 -2.64 14.64
N GLY B 116 16.20 -2.42 15.22
CA GLY B 116 16.38 -2.66 16.64
C GLY B 116 15.74 -1.56 17.48
N GLU B 117 15.56 -1.85 18.78
CA GLU B 117 14.81 -0.94 19.64
C GLU B 117 15.50 0.40 19.76
N ALA B 118 16.84 0.39 19.75
CA ALA B 118 17.58 1.65 19.88
C ALA B 118 17.42 2.51 18.63
N GLU B 119 17.50 1.89 17.44
CA GLU B 119 17.26 2.67 16.23
C GLU B 119 15.78 3.09 16.11
N LYS B 120 14.85 2.26 16.60
CA LYS B 120 13.46 2.70 16.70
C LYS B 120 13.36 4.00 17.49
N ALA B 121 13.93 4.02 18.69
CA ALA B 121 13.86 5.20 19.53
C ALA B 121 14.58 6.39 18.91
N GLU B 122 15.68 6.13 18.18
CA GLU B 122 16.40 7.20 17.50
C GLU B 122 15.56 7.80 16.38
N LEU B 123 14.96 6.95 15.54
CA LEU B 123 14.09 7.44 14.48
C LEU B 123 12.83 8.09 15.05
N PHE B 124 12.28 7.52 16.13
CA PHE B 124 11.11 8.11 16.76
C PHE B 124 11.42 9.48 17.37
N ALA B 125 12.64 9.66 17.91
CA ALA B 125 13.06 10.96 18.40
C ALA B 125 13.08 12.00 17.29
N ALA B 126 13.64 11.63 16.14
CA ALA B 126 13.69 12.57 15.02
C ALA B 126 12.28 12.92 14.53
N ALA B 127 11.32 11.99 14.69
CA ALA B 127 9.94 12.28 14.33
C ALA B 127 9.34 13.30 15.30
N VAL B 128 9.54 13.09 16.59
CA VAL B 128 9.08 14.02 17.61
C VAL B 128 9.64 15.42 17.37
N ALA B 129 10.89 15.50 16.91
CA ALA B 129 11.55 16.78 16.70
C ALA B 129 11.12 17.50 15.42
N ASP B 130 10.38 16.84 14.52
CA ASP B 130 9.94 17.45 13.28
C ASP B 130 8.44 17.20 13.16
N PRO B 131 7.61 18.15 13.58
CA PRO B 131 6.15 17.92 13.55
C PRO B 131 5.56 17.85 12.13
N THR B 132 6.33 18.17 11.08
CA THR B 132 5.84 17.91 9.73
C THR B 132 5.87 16.42 9.36
N THR B 133 6.46 15.58 10.22
CA THR B 133 6.45 14.12 10.01
C THR B 133 5.02 13.62 9.89
N ASP B 134 4.76 12.83 8.85
CA ASP B 134 3.43 12.28 8.67
C ASP B 134 3.27 11.02 9.51
N LEU B 135 2.11 10.89 10.12
CA LEU B 135 1.71 9.68 10.82
C LEU B 135 0.35 9.29 10.25
N TYR B 136 0.27 8.11 9.64
CA TYR B 136 -0.97 7.77 8.93
C TYR B 136 -1.18 6.26 8.95
N TYR B 137 -2.37 5.87 8.51
CA TYR B 137 -2.89 4.51 8.65
C TYR B 137 -3.58 4.17 7.33
N PRO B 138 -2.83 3.73 6.33
CA PRO B 138 -3.38 3.67 4.97
C PRO B 138 -4.35 2.55 4.73
N TYR B 139 -4.49 1.61 5.68
CA TYR B 139 -5.45 0.51 5.56
C TYR B 139 -6.60 0.67 6.55
N ALA B 140 -6.74 1.88 7.11
CA ALA B 140 -7.75 2.14 8.14
C ALA B 140 -9.14 1.61 7.76
N GLN B 141 -9.55 1.75 6.50
CA GLN B 141 -10.87 1.35 6.05
C GLN B 141 -10.90 -0.01 5.37
N LEU B 142 -9.90 -0.85 5.64
CA LEU B 142 -9.78 -2.13 4.97
C LEU B 142 -10.08 -3.25 5.97
N GLY B 143 -11.00 -4.12 5.62
CA GLY B 143 -11.28 -5.31 6.41
C GLY B 143 -12.68 -5.30 6.98
N ASP B 144 -12.99 -6.40 7.69
CA ASP B 144 -14.37 -6.67 8.12
C ASP B 144 -14.73 -5.92 9.40
N ARG B 145 -13.81 -5.85 10.36
CA ARG B 145 -14.11 -5.22 11.65
C ARG B 145 -14.64 -3.80 11.48
N VAL B 146 -13.99 -3.00 10.63
CA VAL B 146 -14.41 -1.62 10.50
C VAL B 146 -15.73 -1.51 9.73
N ARG B 147 -16.13 -2.58 9.06
CA ARG B 147 -17.38 -2.59 8.30
C ARG B 147 -18.55 -2.92 9.22
N GLU B 148 -18.46 -2.54 10.50
CA GLU B 148 -19.56 -2.72 11.44
C GLU B 148 -19.55 -1.62 12.48
N TRP B 154 -24.02 7.37 18.93
CA TRP B 154 -23.51 8.67 19.38
C TRP B 154 -24.57 9.36 20.22
N GLU B 155 -25.73 8.72 20.31
CA GLU B 155 -26.78 9.14 21.25
C GLU B 155 -26.54 8.46 22.60
N VAL B 156 -25.39 8.77 23.20
CA VAL B 156 -24.88 8.03 24.35
C VAL B 156 -25.15 8.76 25.66
N THR B 157 -24.72 8.17 26.77
CA THR B 157 -24.96 8.70 28.11
C THR B 157 -23.75 9.49 28.59
N ASP B 158 -23.89 10.10 29.78
CA ASP B 158 -22.77 10.80 30.40
C ASP B 158 -21.65 9.84 30.79
N GLU B 159 -21.96 8.56 31.03
CA GLU B 159 -20.88 7.60 31.26
C GLU B 159 -20.09 7.37 29.96
N SER B 160 -20.79 7.21 28.83
CA SER B 160 -20.09 7.06 27.56
C SER B 160 -19.44 8.37 27.13
N ALA B 161 -20.12 9.50 27.30
CA ALA B 161 -19.53 10.79 27.01
C ALA B 161 -18.24 11.01 27.80
N ARG B 162 -18.19 10.52 29.04
CA ARG B 162 -17.00 10.67 29.87
C ARG B 162 -15.86 9.78 29.38
N GLU B 163 -16.19 8.57 28.95
CA GLU B 163 -15.17 7.69 28.35
C GLU B 163 -14.68 8.26 27.02
N LEU B 164 -15.56 8.88 26.26
CA LEU B 164 -15.13 9.54 25.02
C LEU B 164 -14.12 10.64 25.35
N ASP B 165 -14.45 11.49 26.32
CA ASP B 165 -13.56 12.58 26.69
C ASP B 165 -12.22 12.07 27.24
N HIS B 166 -12.23 10.93 27.92
CA HIS B 166 -11.00 10.46 28.56
C HIS B 166 -9.93 10.08 27.54
N ALA B 167 -10.32 9.33 26.50
CA ALA B 167 -9.37 8.93 25.46
C ALA B 167 -8.84 10.12 24.67
N GLU B 168 -9.48 11.29 24.77
CA GLU B 168 -9.03 12.49 24.08
C GLU B 168 -8.33 13.49 25.00
N GLU B 169 -8.15 13.14 26.29
CA GLU B 169 -7.53 14.06 27.24
C GLU B 169 -6.19 14.57 26.73
N VAL B 170 -5.36 13.68 26.19
CA VAL B 170 -4.03 14.07 25.75
C VAL B 170 -4.10 15.06 24.59
N LEU B 171 -5.14 14.94 23.76
CA LEU B 171 -5.35 15.91 22.68
C LEU B 171 -5.80 17.26 23.22
N ARG B 172 -6.75 17.26 24.17
CA ARG B 172 -7.23 18.53 24.73
C ARG B 172 -6.13 19.26 25.47
N ASP B 173 -5.24 18.54 26.14
CA ASP B 173 -4.21 19.16 26.96
C ASP B 173 -3.07 19.76 26.14
N HIS B 174 -2.94 19.41 24.85
CA HIS B 174 -1.73 19.81 24.15
C HIS B 174 -1.94 20.38 22.75
N VAL B 175 -3.01 20.04 22.03
CA VAL B 175 -3.26 20.69 20.75
C VAL B 175 -3.46 22.20 20.88
N PRO B 176 -4.30 22.71 21.80
CA PRO B 176 -4.46 24.18 21.89
C PRO B 176 -3.15 24.91 22.11
N ASP B 177 -2.29 24.42 23.03
CA ASP B 177 -0.96 24.99 23.19
C ASP B 177 -0.19 24.97 21.88
N ARG B 178 -0.23 23.83 21.18
CA ARG B 178 0.44 23.74 19.89
C ARG B 178 -0.12 24.78 18.89
N LEU B 179 -1.43 25.04 18.94
CA LEU B 179 -2.02 26.02 18.04
C LEU B 179 -1.52 27.42 18.35
N ALA B 180 -1.31 27.72 19.64
CA ALA B 180 -0.73 29.00 20.01
C ALA B 180 0.67 29.14 19.45
N GLU B 181 1.50 28.10 19.65
CA GLU B 181 2.85 28.10 19.12
C GLU B 181 2.88 28.34 17.62
N LEU B 182 1.85 27.86 16.90
CA LEU B 182 1.75 28.00 15.46
C LEU B 182 1.13 29.34 15.02
N GLY B 183 0.85 30.23 15.96
CA GLY B 183 0.39 31.57 15.62
C GLY B 183 -1.11 31.82 15.68
N PHE B 184 -1.93 30.85 16.09
CA PHE B 184 -3.36 31.11 16.20
C PHE B 184 -3.62 32.22 17.21
N ARG B 185 -4.39 33.23 16.80
CA ARG B 185 -4.65 34.43 17.60
C ARG B 185 -6.08 34.48 18.15
N GLY B 186 -6.88 33.43 17.99
CA GLY B 186 -8.27 33.49 18.42
C GLY B 186 -9.22 33.93 17.31
N GLY B 187 -10.36 34.45 17.73
CA GLY B 187 -11.40 34.86 16.80
C GLY B 187 -12.63 34.00 16.89
N VAL B 188 -12.96 33.29 15.81
CA VAL B 188 -14.06 32.34 15.77
C VAL B 188 -13.49 30.94 15.61
N ALA B 189 -13.86 30.04 16.52
CA ALA B 189 -13.50 28.63 16.46
C ALA B 189 -14.75 27.77 16.24
N TYR B 190 -14.68 26.86 15.28
CA TYR B 190 -15.81 26.04 14.86
C TYR B 190 -15.42 24.57 14.89
N ASP B 191 -16.20 23.76 15.62
CA ASP B 191 -16.04 22.30 15.65
C ASP B 191 -17.24 21.69 14.93
N ALA B 192 -16.98 21.10 13.75
CA ALA B 192 -18.02 20.55 12.89
C ALA B 192 -18.58 19.22 13.39
N ALA B 193 -18.04 18.66 14.46
CA ALA B 193 -18.57 17.44 15.07
C ALA B 193 -18.21 17.52 16.55
N CYS B 194 -18.84 18.48 17.25
CA CYS B 194 -18.32 18.93 18.53
C CYS B 194 -18.51 17.89 19.62
N SER B 195 -19.37 16.89 19.41
CA SER B 195 -19.71 15.92 20.46
C SER B 195 -20.06 16.62 21.76
N THR B 196 -19.34 16.29 22.85
CA THR B 196 -19.64 16.85 24.17
C THR B 196 -19.25 18.33 24.30
N GLY B 197 -18.51 18.88 23.35
CA GLY B 197 -18.00 20.23 23.51
C GLY B 197 -16.74 20.35 24.32
N ALA B 198 -16.25 19.25 24.89
CA ALA B 198 -15.05 19.29 25.71
C ALA B 198 -13.86 19.85 24.93
N PHE B 199 -13.66 19.38 23.69
CA PHE B 199 -12.46 19.80 22.95
C PHE B 199 -12.52 21.29 22.62
N LEU B 200 -13.62 21.74 22.01
CA LEU B 200 -13.71 23.15 21.63
C LEU B 200 -13.72 24.05 22.86
N GLN B 201 -14.13 23.52 24.01
CA GLN B 201 -14.04 24.29 25.24
C GLN B 201 -12.59 24.47 25.67
N ALA B 202 -11.75 23.44 25.48
CA ALA B 202 -10.33 23.56 25.79
C ALA B 202 -9.67 24.61 24.90
N VAL B 203 -10.10 24.71 23.65
CA VAL B 203 -9.61 25.79 22.78
C VAL B 203 -9.95 27.15 23.36
N GLY B 204 -11.22 27.33 23.75
CA GLY B 204 -11.63 28.60 24.33
C GLY B 204 -10.90 28.94 25.61
N ARG B 205 -10.61 27.91 26.43
CA ARG B 205 -9.81 28.16 27.63
C ARG B 205 -8.43 28.68 27.26
N ARG B 206 -7.84 28.12 26.20
CA ARG B 206 -6.47 28.47 25.82
C ARG B 206 -6.41 29.84 25.17
N PHE B 207 -7.47 30.28 24.51
CA PHE B 207 -7.49 31.58 23.83
C PHE B 207 -8.72 32.34 24.29
N PRO B 208 -8.67 32.98 25.46
CA PRO B 208 -9.86 33.70 25.96
C PRO B 208 -10.33 34.74 24.95
N GLY B 209 -11.64 34.97 24.93
CA GLY B 209 -12.23 35.83 23.93
C GLY B 209 -12.61 35.17 22.63
N THR B 210 -12.15 33.95 22.36
CA THR B 210 -12.54 33.24 21.16
C THR B 210 -13.99 32.77 21.26
N ARG B 211 -14.75 32.96 20.18
CA ARG B 211 -16.13 32.52 20.12
C ARG B 211 -16.17 31.06 19.69
N THR B 212 -16.80 30.20 20.50
CA THR B 212 -16.78 28.76 20.25
C THR B 212 -18.14 28.30 19.73
N ILE B 213 -18.15 27.72 18.53
CA ILE B 213 -19.39 27.32 17.87
C ILE B 213 -19.25 25.85 17.49
N GLY B 214 -20.13 25.01 18.03
CA GLY B 214 -20.10 23.59 17.77
C GLY B 214 -21.31 23.17 16.95
N GLN B 215 -21.11 22.16 16.12
CA GLN B 215 -22.19 21.47 15.43
C GLN B 215 -22.01 19.98 15.69
N ASP B 216 -23.13 19.26 15.83
CA ASP B 216 -23.08 17.81 15.94
C ASP B 216 -24.36 17.20 15.37
N LEU B 217 -24.20 16.02 14.78
CA LEU B 217 -25.35 15.30 14.25
C LEU B 217 -26.30 14.86 15.35
N SER B 218 -25.78 14.58 16.55
CA SER B 218 -26.58 13.98 17.61
C SER B 218 -27.25 15.05 18.48
N PRO B 219 -28.59 15.04 18.63
CA PRO B 219 -29.22 15.99 19.56
C PRO B 219 -28.73 15.85 21.00
N ALA B 220 -28.42 14.63 21.44
CA ALA B 220 -27.91 14.46 22.80
C ALA B 220 -26.56 15.15 22.98
N MET B 221 -25.68 15.03 21.97
CA MET B 221 -24.38 15.70 22.06
C MET B 221 -24.56 17.21 22.13
N VAL B 222 -25.49 17.76 21.35
CA VAL B 222 -25.68 19.21 21.33
C VAL B 222 -26.09 19.70 22.71
N ALA B 223 -26.93 18.92 23.40
CA ALA B 223 -27.38 19.29 24.75
C ALA B 223 -26.23 19.40 25.72
N ARG B 224 -25.23 18.50 25.64
CA ARG B 224 -24.03 18.65 26.46
C ARG B 224 -23.19 19.83 26.00
N ALA B 225 -23.02 19.96 24.69
CA ALA B 225 -22.11 20.97 24.18
C ALA B 225 -22.63 22.38 24.45
N ARG B 226 -23.95 22.57 24.49
CA ARG B 226 -24.53 23.88 24.78
C ARG B 226 -24.11 24.40 26.15
N THR B 227 -23.79 23.51 27.09
CA THR B 227 -23.31 23.96 28.39
C THR B 227 -21.80 24.24 28.41
N ARG B 228 -21.11 24.09 27.28
CA ARG B 228 -19.67 24.35 27.24
C ARG B 228 -19.25 25.35 26.18
N LEU B 229 -20.07 25.62 25.16
CA LEU B 229 -19.69 26.48 24.06
C LEU B 229 -20.60 27.70 23.99
N ASP B 230 -20.12 28.73 23.28
CA ASP B 230 -20.95 29.90 23.03
C ASP B 230 -22.18 29.54 22.21
N GLU B 231 -22.05 28.59 21.28
CA GLU B 231 -23.15 28.12 20.45
C GLU B 231 -23.02 26.62 20.21
N ALA B 232 -24.18 25.96 20.09
CA ALA B 232 -24.23 24.53 19.80
C ALA B 232 -25.42 24.27 18.91
N HIS B 233 -25.15 23.81 17.68
CA HIS B 233 -26.18 23.62 16.65
C HIS B 233 -26.25 22.15 16.25
N CYS B 234 -27.47 21.63 16.10
CA CYS B 234 -27.68 20.23 15.75
C CYS B 234 -27.94 20.07 14.26
N GLY B 235 -27.20 19.17 13.63
CA GLY B 235 -27.37 18.87 12.22
C GLY B 235 -26.09 18.31 11.61
N ASP B 236 -26.28 17.47 10.57
CA ASP B 236 -25.18 16.97 9.76
C ASP B 236 -24.25 18.09 9.31
N GLY B 237 -22.94 17.90 9.50
CA GLY B 237 -21.96 18.90 9.10
C GLY B 237 -21.96 19.19 7.61
N ILE B 238 -22.50 18.28 6.80
CA ILE B 238 -22.68 18.51 5.37
C ILE B 238 -23.52 19.75 5.09
N ARG B 239 -24.34 20.20 6.05
CA ARG B 239 -25.03 21.48 5.98
C ARG B 239 -24.50 22.30 7.13
N PRO B 240 -23.39 23.01 6.95
CA PRO B 240 -22.75 23.72 8.06
C PRO B 240 -23.66 24.79 8.65
N ALA B 241 -23.60 24.94 9.97
CA ALA B 241 -24.47 25.88 10.67
C ALA B 241 -23.87 27.29 10.77
N ILE B 242 -22.74 27.56 10.11
CA ILE B 242 -22.18 28.91 10.13
C ILE B 242 -21.88 29.34 8.69
N PRO B 243 -21.69 30.63 8.44
CA PRO B 243 -21.46 31.09 7.06
C PRO B 243 -20.10 30.66 6.54
N GLU B 244 -20.04 30.56 5.21
CA GLU B 244 -18.79 30.27 4.50
C GLU B 244 -17.68 31.23 4.91
N ALA B 245 -16.48 30.70 5.13
CA ALA B 245 -15.29 31.52 5.39
C ALA B 245 -15.51 32.52 6.53
N SER B 246 -16.13 32.06 7.61
CA SER B 246 -16.37 32.90 8.77
C SER B 246 -15.59 32.47 10.02
N ALA B 247 -14.84 31.36 9.96
CA ALA B 247 -14.14 30.83 11.12
C ALA B 247 -12.63 30.97 10.97
N ASP B 248 -11.97 31.33 12.07
CA ASP B 248 -10.51 31.39 12.04
C ASP B 248 -9.88 30.03 12.33
N LEU B 249 -10.66 29.10 12.88
CA LEU B 249 -10.22 27.75 13.21
C LEU B 249 -11.38 26.80 12.99
N VAL B 250 -11.15 25.72 12.25
CA VAL B 250 -12.16 24.68 12.04
C VAL B 250 -11.57 23.37 12.55
N VAL B 251 -12.35 22.65 13.35
CA VAL B 251 -11.89 21.40 13.97
C VAL B 251 -12.75 20.24 13.49
N CYS B 252 -12.10 19.14 13.09
CA CYS B 252 -12.76 17.89 12.73
C CYS B 252 -12.10 16.75 13.46
N ARG B 253 -12.84 16.11 14.36
CA ARG B 253 -12.34 14.95 15.11
C ARG B 253 -13.13 13.70 14.77
N HIS B 254 -13.79 13.69 13.59
CA HIS B 254 -14.71 12.62 13.23
C HIS B 254 -14.51 12.03 11.83
N LEU B 255 -13.54 12.50 11.05
CA LEU B 255 -13.35 11.97 9.70
C LEU B 255 -12.49 10.71 9.73
N ASN B 256 -12.95 9.73 10.51
CA ASN B 256 -12.05 8.73 11.06
C ASN B 256 -12.66 7.34 10.94
N ALA B 257 -11.78 6.33 11.07
CA ALA B 257 -12.22 4.94 11.08
C ALA B 257 -13.21 4.71 12.22
N PHE B 258 -14.26 3.96 11.92
CA PHE B 258 -15.35 3.57 12.82
C PHE B 258 -16.36 4.71 13.02
N VAL B 259 -16.12 5.91 12.47
CA VAL B 259 -17.07 7.02 12.56
C VAL B 259 -17.80 7.21 11.24
N VAL B 260 -17.07 7.50 10.16
CA VAL B 260 -17.65 7.70 8.84
C VAL B 260 -16.89 6.82 7.85
N GLY B 261 -17.44 6.76 6.62
CA GLY B 261 -16.75 6.14 5.52
C GLY B 261 -15.77 7.09 4.84
N THR B 262 -15.04 6.54 3.88
CA THR B 262 -14.03 7.32 3.18
C THR B 262 -14.64 8.45 2.36
N GLY B 263 -15.66 8.12 1.55
CA GLY B 263 -16.33 9.15 0.78
C GLY B 263 -17.01 10.19 1.66
N GLN B 264 -17.62 9.76 2.76
CA GLN B 264 -18.20 10.71 3.71
C GLN B 264 -17.13 11.65 4.29
N ALA B 265 -15.95 11.11 4.62
CA ALA B 265 -14.95 11.95 5.26
C ALA B 265 -14.45 13.04 4.31
N HIS B 266 -14.39 12.73 3.02
CA HIS B 266 -13.96 13.73 2.06
C HIS B 266 -15.04 14.79 1.85
N ASP B 267 -16.31 14.37 1.83
CA ASP B 267 -17.41 15.34 1.70
C ASP B 267 -17.48 16.27 2.90
N LEU B 268 -17.39 15.70 4.11
CA LEU B 268 -17.49 16.48 5.33
C LEU B 268 -16.28 17.38 5.53
N LEU B 269 -15.09 16.95 5.09
CA LEU B 269 -13.94 17.85 5.11
C LEU B 269 -14.20 19.06 4.21
N ALA B 270 -14.74 18.82 3.01
CA ALA B 270 -14.99 19.92 2.09
C ALA B 270 -15.97 20.93 2.69
N ALA B 271 -17.07 20.44 3.27
CA ALA B 271 -18.02 21.32 3.93
C ALA B 271 -17.37 22.11 5.07
N ALA B 272 -16.68 21.41 5.98
CA ALA B 272 -16.10 22.10 7.13
C ALA B 272 -15.05 23.13 6.70
N ALA B 273 -14.19 22.77 5.73
CA ALA B 273 -13.12 23.68 5.37
C ALA B 273 -13.62 24.89 4.59
N SER B 274 -14.80 24.78 3.96
CA SER B 274 -15.42 25.96 3.36
C SER B 274 -15.80 27.00 4.40
N ARG B 275 -16.01 26.58 5.66
CA ARG B 275 -16.32 27.51 6.74
C ARG B 275 -15.11 28.29 7.21
N CYS B 276 -13.90 27.90 6.82
CA CYS B 276 -12.65 28.49 7.30
C CYS B 276 -12.25 29.65 6.41
N ARG B 277 -11.86 30.77 7.02
CA ARG B 277 -11.35 31.91 6.25
C ARG B 277 -10.03 31.54 5.59
N GLU B 278 -9.72 32.24 4.49
CA GLU B 278 -8.37 32.12 3.95
C GLU B 278 -7.39 32.63 5.00
N GLY B 279 -6.28 31.92 5.15
CA GLY B 279 -5.34 32.18 6.21
C GLY B 279 -5.71 31.57 7.55
N GLY B 280 -6.95 31.11 7.72
CA GLY B 280 -7.36 30.41 8.91
C GLY B 280 -6.77 28.99 8.96
N LEU B 281 -7.19 28.25 9.99
CA LEU B 281 -6.61 26.94 10.29
C LEU B 281 -7.68 25.85 10.30
N VAL B 282 -7.36 24.72 9.69
CA VAL B 282 -8.17 23.51 9.74
C VAL B 282 -7.38 22.44 10.47
N VAL B 283 -7.97 21.83 11.50
CA VAL B 283 -7.27 20.86 12.34
C VAL B 283 -8.02 19.54 12.30
N LEU B 284 -7.30 18.47 11.97
CA LEU B 284 -7.87 17.13 11.89
C LEU B 284 -7.14 16.24 12.89
N LEU B 285 -7.89 15.62 13.79
CA LEU B 285 -7.29 14.62 14.67
C LEU B 285 -8.31 13.49 14.87
N GLY B 286 -7.92 12.49 15.66
CA GLY B 286 -8.78 11.33 15.86
C GLY B 286 -8.27 10.29 16.83
N HIS B 287 -9.12 9.94 17.79
CA HIS B 287 -8.90 8.75 18.61
C HIS B 287 -8.55 7.55 17.73
N THR B 288 -9.35 7.34 16.67
CA THR B 288 -9.11 6.35 15.64
C THR B 288 -8.53 7.01 14.39
N PRO B 289 -7.94 6.24 13.48
CA PRO B 289 -7.21 6.83 12.35
C PRO B 289 -8.03 7.82 11.53
N VAL B 290 -7.38 8.94 11.18
CA VAL B 290 -7.97 9.91 10.27
C VAL B 290 -7.96 9.34 8.86
N LEU B 291 -9.10 9.47 8.17
CA LEU B 291 -9.23 8.84 6.87
C LEU B 291 -8.75 9.73 5.72
N VAL B 292 -8.46 11.00 5.93
CA VAL B 292 -8.01 11.82 4.81
C VAL B 292 -6.49 11.95 4.88
N SER B 293 -5.86 11.83 3.73
CA SER B 293 -4.41 12.01 3.62
C SER B 293 -4.05 13.48 3.61
N SER B 294 -2.82 13.79 4.05
CA SER B 294 -2.33 15.16 3.93
C SER B 294 -2.19 15.56 2.46
N GLN B 295 -1.89 14.59 1.59
CA GLN B 295 -1.87 14.87 0.15
C GLN B 295 -3.24 15.32 -0.36
N TRP B 296 -4.31 14.70 0.12
CA TRP B 296 -5.64 15.13 -0.31
C TRP B 296 -5.96 16.53 0.20
N CYS B 297 -5.48 16.86 1.41
CA CYS B 297 -5.66 18.23 1.91
C CYS B 297 -4.92 19.23 1.03
N GLU B 298 -3.71 18.88 0.56
CA GLU B 298 -2.97 19.79 -0.32
C GLU B 298 -3.68 19.95 -1.66
N MET B 299 -4.27 18.88 -2.17
CA MET B 299 -5.02 18.97 -3.41
C MET B 299 -6.26 19.83 -3.21
N SER B 300 -6.74 19.93 -1.97
CA SER B 300 -7.91 20.72 -1.61
C SER B 300 -7.55 22.16 -1.26
N GLY B 301 -6.30 22.55 -1.41
CA GLY B 301 -5.88 23.90 -1.09
C GLY B 301 -5.53 24.16 0.35
N LEU B 302 -5.33 23.11 1.15
CA LEU B 302 -4.99 23.26 2.56
C LEU B 302 -3.53 22.83 2.77
N THR B 303 -2.68 23.76 3.22
CA THR B 303 -1.25 23.49 3.36
C THR B 303 -0.95 22.92 4.75
N PRO B 304 -0.38 21.72 4.85
CA PRO B 304 -0.02 21.19 6.17
C PRO B 304 1.09 22.02 6.80
N LEU B 305 0.78 22.64 7.94
CA LEU B 305 1.83 23.23 8.77
C LEU B 305 2.43 22.19 9.71
N GLN B 306 1.66 21.16 10.06
CA GLN B 306 2.04 20.11 11.01
C GLN B 306 1.21 18.88 10.67
N ARG B 307 1.79 17.68 10.85
CA ARG B 307 1.04 16.44 10.60
C ARG B 307 0.98 15.51 11.81
N SER B 308 1.90 15.63 12.76
CA SER B 308 1.86 14.84 13.99
C SER B 308 2.27 15.71 15.15
N GLY B 309 1.78 15.36 16.33
CA GLY B 309 2.19 16.03 17.55
C GLY B 309 2.67 14.98 18.53
N ALA B 310 3.49 15.43 19.48
CA ALA B 310 4.16 14.57 20.44
C ALA B 310 3.74 14.93 21.86
N THR B 311 3.74 13.95 22.75
CA THR B 311 3.49 14.25 24.16
C THR B 311 4.68 15.03 24.71
N PRO B 312 4.47 15.81 25.78
CA PRO B 312 5.59 16.64 26.28
C PRO B 312 6.85 15.85 26.55
N SER B 313 6.72 14.60 27.00
CA SER B 313 7.91 13.80 27.25
C SER B 313 8.60 13.38 25.95
N GLY B 314 7.91 13.47 24.83
CA GLY B 314 8.40 12.81 23.65
C GLY B 314 8.24 11.31 23.66
N HIS B 315 7.45 10.78 24.60
CA HIS B 315 7.18 9.35 24.68
C HIS B 315 6.20 8.85 23.61
N ALA B 316 5.33 9.71 23.08
CA ALA B 316 4.34 9.22 22.13
C ALA B 316 4.02 10.28 21.08
N LEU B 317 3.52 9.80 19.94
CA LEU B 317 3.07 10.62 18.82
C LEU B 317 1.59 10.40 18.57
N PHE B 318 0.91 11.44 18.09
CA PHE B 318 -0.48 11.31 17.65
C PHE B 318 -0.68 12.10 16.36
N GLN B 319 -1.70 11.70 15.60
CA GLN B 319 -2.03 12.45 14.40
C GLN B 319 -2.53 13.85 14.77
N CYS B 320 -2.02 14.85 14.06
CA CYS B 320 -2.37 16.23 14.36
C CYS B 320 -2.14 17.06 13.12
N TYR B 321 -3.08 17.00 12.17
CA TYR B 321 -2.94 17.74 10.93
C TYR B 321 -3.43 19.15 11.17
N VAL B 322 -2.54 20.13 11.11
CA VAL B 322 -2.90 21.53 11.22
C VAL B 322 -2.67 22.15 9.85
N LEU B 323 -3.74 22.56 9.19
CA LEU B 323 -3.69 22.99 7.79
C LEU B 323 -3.96 24.49 7.71
N ARG B 324 -3.14 25.21 6.95
CA ARG B 324 -3.43 26.60 6.63
C ARG B 324 -4.24 26.67 5.35
N LYS B 325 -5.36 27.38 5.38
CA LYS B 325 -6.25 27.42 4.21
C LYS B 325 -5.74 28.41 3.16
N GLY B 326 -5.56 27.90 1.94
CA GLY B 326 -5.27 28.74 0.79
C GLY B 326 -6.45 28.81 -0.16
#